data_9M5S
#
_entry.id   9M5S
#
_cell.length_a   103.551
_cell.length_b   103.551
_cell.length_c   46.249
_cell.angle_alpha   90.000
_cell.angle_beta   90.000
_cell.angle_gamma   120.000
#
_symmetry.space_group_name_H-M   'P 3 2 1'
#
loop_
_entity.id
_entity.type
_entity.pdbx_description
1 polymer 'Chloramphenicol acetyltransferase'
2 non-polymer 'COBALT (II) ION'
3 non-polymer 'ACETATE ION'
4 non-polymer HEXANE-1,6-DIOL
5 water water
#
_entity_poly.entity_id   1
_entity_poly.type   'polypeptide(L)'
_entity_poly.pdbx_seq_one_letter_code
;GSLEMNFNKIDLDNWKRKEIFNHYLNQQTTFSITTEIDISVLYRNIKQEGYKFYPAFIFLVTRVINSNTAFRTGYNSDGE
LGYWDKLEPLYTIFDGVSKTFSGIWTPVKNDFKEFYDLYLSDVEKYNGSGKLFPKTPIPENAFSLSIIPWTSFTGFNLNI
NNNSNYLLPIITAGKFINKGNSIYLPLSLQVHHSVCDGYHAGLFMNSIQELSDRPNDWLL
;
_entity_poly.pdbx_strand_id   A
#
loop_
_chem_comp.id
_chem_comp.type
_chem_comp.name
_chem_comp.formula
ACT non-polymer 'ACETATE ION' 'C2 H3 O2 -1'
CO non-polymer 'COBALT (II) ION' 'Co 2'
HEZ non-polymer HEXANE-1,6-DIOL 'C6 H14 O2'
#
# COMPACT_ATOMS: atom_id res chain seq x y z
N GLU A 4 0.29 -0.56 -20.55
CA GLU A 4 0.18 -1.78 -19.70
C GLU A 4 1.51 -2.10 -19.03
N MET A 5 1.49 -2.19 -17.70
CA MET A 5 2.73 -2.41 -16.95
C MET A 5 3.39 -3.73 -17.32
N ASN A 6 4.72 -3.68 -17.44
CA ASN A 6 5.50 -4.88 -17.72
C ASN A 6 5.39 -5.88 -16.58
N PHE A 7 5.06 -7.12 -16.94
CA PHE A 7 4.92 -8.24 -16.03
C PHE A 7 6.05 -9.23 -16.33
N ASN A 8 6.86 -9.53 -15.33
CA ASN A 8 8.00 -10.42 -15.47
C ASN A 8 7.57 -11.80 -15.00
N LYS A 9 7.40 -12.74 -15.92
CA LYS A 9 6.95 -14.07 -15.54
C LYS A 9 8.04 -14.79 -14.76
N ILE A 10 7.64 -15.47 -13.69
CA ILE A 10 8.60 -16.16 -12.82
C ILE A 10 8.73 -17.61 -13.27
N ASP A 11 9.99 -18.06 -13.39
CA ASP A 11 10.36 -19.43 -13.68
C ASP A 11 10.44 -20.17 -12.35
N LEU A 12 9.32 -20.76 -11.94
CA LEU A 12 9.21 -21.34 -10.60
C LEU A 12 10.29 -22.41 -10.37
N ASP A 13 10.56 -23.24 -11.38
CA ASP A 13 11.58 -24.27 -11.21
C ASP A 13 12.98 -23.70 -11.05
N ASN A 14 13.21 -22.47 -11.51
CA ASN A 14 14.50 -21.82 -11.31
C ASN A 14 14.35 -20.57 -10.43
N TRP A 15 13.74 -20.74 -9.27
CA TRP A 15 13.58 -19.69 -8.28
C TRP A 15 14.08 -20.25 -6.95
N LYS A 16 14.97 -19.52 -6.29
CA LYS A 16 15.48 -20.03 -5.02
C LYS A 16 14.36 -20.17 -3.99
N ARG A 17 13.25 -19.46 -4.17
CA ARG A 17 12.12 -19.52 -3.27
C ARG A 17 11.17 -20.67 -3.56
N LYS A 18 11.46 -21.53 -4.54
CA LYS A 18 10.47 -22.52 -4.95
C LYS A 18 9.90 -23.29 -3.78
N GLU A 19 10.77 -23.79 -2.89
CA GLU A 19 10.30 -24.63 -1.81
C GLU A 19 9.38 -23.85 -0.87
N ILE A 20 9.83 -22.68 -0.42
CA ILE A 20 9.07 -21.91 0.55
C ILE A 20 7.81 -21.37 -0.11
N PHE A 21 7.90 -20.97 -1.39
CA PHE A 21 6.73 -20.48 -2.09
C PHE A 21 5.64 -21.55 -2.12
N ASN A 22 5.98 -22.77 -2.57
CA ASN A 22 4.97 -23.82 -2.66
C ASN A 22 4.49 -24.26 -1.28
N HIS A 23 5.38 -24.21 -0.28
CA HIS A 23 5.01 -24.60 1.08
C HIS A 23 3.86 -23.74 1.60
N TYR A 24 4.04 -22.41 1.58
CA TYR A 24 3.03 -21.50 2.11
C TYR A 24 1.86 -21.31 1.16
N LEU A 25 2.02 -21.63 -0.12
CA LEU A 25 0.87 -21.64 -1.01
C LEU A 25 -0.08 -22.77 -0.62
N ASN A 26 0.46 -23.94 -0.32
CA ASN A 26 -0.38 -25.07 0.07
C ASN A 26 -1.00 -24.82 1.43
N GLN A 27 -0.26 -24.19 2.35
CA GLN A 27 -0.80 -23.84 3.66
C GLN A 27 -1.71 -22.62 3.60
N GLN A 28 -1.70 -21.88 2.50
CA GLN A 28 -2.45 -20.64 2.32
C GLN A 28 -2.18 -19.66 3.47
N THR A 29 -0.92 -19.30 3.63
CA THR A 29 -0.48 -18.59 4.82
C THR A 29 -0.16 -17.14 4.50
N THR A 30 -0.92 -16.23 5.10
CA THR A 30 -0.58 -14.81 5.14
C THR A 30 -0.42 -14.42 6.61
N PHE A 31 0.18 -13.25 6.84
CA PHE A 31 0.25 -12.72 8.20
C PHE A 31 0.08 -11.21 8.15
N SER A 32 -0.54 -10.69 9.19
CA SER A 32 -0.62 -9.25 9.41
C SER A 32 0.34 -8.90 10.54
N ILE A 33 1.02 -7.76 10.40
CA ILE A 33 1.94 -7.26 11.40
C ILE A 33 1.62 -5.78 11.54
N THR A 34 1.32 -5.35 12.76
CA THR A 34 0.87 -4.01 13.05
C THR A 34 1.91 -3.32 13.93
N THR A 35 2.25 -2.09 13.58
CA THR A 35 3.12 -1.29 14.42
C THR A 35 2.68 0.17 14.30
N GLU A 36 3.56 1.06 14.75
CA GLU A 36 3.30 2.49 14.79
C GLU A 36 4.53 3.16 14.18
N ILE A 37 4.33 3.94 13.14
CA ILE A 37 5.41 4.69 12.49
C ILE A 37 5.49 6.07 13.12
N ASP A 38 6.71 6.52 13.44
CA ASP A 38 6.90 7.89 13.93
C ASP A 38 6.89 8.80 12.71
N ILE A 39 5.79 9.54 12.51
CA ILE A 39 5.66 10.43 11.36
C ILE A 39 5.88 11.90 11.74
N SER A 40 6.56 12.15 12.87
CA SER A 40 6.72 13.53 13.32
C SER A 40 7.43 14.38 12.26
N VAL A 41 8.56 13.89 11.76
CA VAL A 41 9.31 14.66 10.76
C VAL A 41 8.51 14.80 9.49
N LEU A 42 7.90 13.70 9.02
CA LEU A 42 7.12 13.76 7.79
C LEU A 42 5.98 14.76 7.90
N TYR A 43 5.26 14.73 9.02
CA TYR A 43 4.11 15.61 9.16
C TYR A 43 4.53 17.07 9.23
N ARG A 44 5.58 17.37 10.00
CA ARG A 44 6.07 18.75 10.05
C ARG A 44 6.46 19.23 8.65
N ASN A 45 7.06 18.36 7.84
CA ASN A 45 7.47 18.80 6.51
C ASN A 45 6.28 19.01 5.58
N ILE A 46 5.29 18.12 5.60
CA ILE A 46 4.16 18.34 4.72
C ILE A 46 3.39 19.58 5.15
N LYS A 47 3.32 19.83 6.47
CA LYS A 47 2.66 21.05 6.94
C LYS A 47 3.42 22.29 6.47
N GLN A 48 4.76 22.26 6.54
CA GLN A 48 5.55 23.41 6.12
C GLN A 48 5.32 23.72 4.64
N GLU A 49 5.11 22.69 3.81
CA GLU A 49 4.88 22.87 2.38
C GLU A 49 3.43 23.10 2.02
N GLY A 50 2.50 22.89 2.96
CA GLY A 50 1.09 22.99 2.64
C GLY A 50 0.58 21.86 1.77
N TYR A 51 1.20 20.69 1.84
CA TYR A 51 0.74 19.50 1.16
C TYR A 51 -0.24 18.75 2.06
N LYS A 52 -1.26 18.16 1.46
CA LYS A 52 -2.14 17.27 2.20
C LYS A 52 -1.40 15.99 2.55
N PHE A 53 -1.66 15.48 3.77
CA PHE A 53 -0.87 14.35 4.25
C PHE A 53 -1.15 13.07 3.48
N TYR A 54 -2.42 12.77 3.23
CA TYR A 54 -2.79 11.47 2.67
C TYR A 54 -2.05 11.18 1.37
N PRO A 55 -2.08 12.04 0.34
CA PRO A 55 -1.34 11.71 -0.89
C PRO A 55 0.16 11.59 -0.68
N ALA A 56 0.75 12.38 0.22
CA ALA A 56 2.15 12.18 0.56
C ALA A 56 2.38 10.78 1.08
N PHE A 57 1.49 10.29 1.93
CA PHE A 57 1.64 8.95 2.47
C PHE A 57 1.41 7.89 1.40
N ILE A 58 0.42 8.09 0.52
CA ILE A 58 0.21 7.14 -0.57
C ILE A 58 1.49 7.02 -1.41
N PHE A 59 2.08 8.16 -1.76
CA PHE A 59 3.30 8.19 -2.56
C PHE A 59 4.44 7.47 -1.83
N LEU A 60 4.57 7.72 -0.53
CA LEU A 60 5.61 7.07 0.27
C LEU A 60 5.45 5.56 0.25
N VAL A 61 4.25 5.07 0.56
CA VAL A 61 4.01 3.63 0.56
C VAL A 61 4.32 3.04 -0.81
N THR A 62 3.88 3.70 -1.88
CA THR A 62 4.13 3.19 -3.22
C THR A 62 5.63 3.10 -3.50
N ARG A 63 6.41 4.08 -3.03
CA ARG A 63 7.86 4.00 -3.21
C ARG A 63 8.44 2.78 -2.55
N VAL A 64 7.99 2.46 -1.34
CA VAL A 64 8.49 1.28 -0.65
C VAL A 64 8.07 0.02 -1.39
N ILE A 65 6.80 -0.05 -1.82
CA ILE A 65 6.33 -1.20 -2.59
C ILE A 65 7.21 -1.39 -3.82
N ASN A 66 7.60 -0.31 -4.47
CA ASN A 66 8.36 -0.40 -5.71
C ASN A 66 9.86 -0.52 -5.45
N SER A 67 10.28 -0.73 -4.20
CA SER A 67 11.68 -0.90 -3.89
C SER A 67 12.11 -2.35 -3.78
N ASN A 68 11.18 -3.30 -3.80
CA ASN A 68 11.53 -4.71 -3.68
C ASN A 68 10.50 -5.56 -4.39
N THR A 69 10.97 -6.50 -5.22
CA THR A 69 10.06 -7.32 -6.01
C THR A 69 9.19 -8.24 -5.14
N ALA A 70 9.58 -8.50 -3.90
CA ALA A 70 8.75 -9.33 -3.02
C ALA A 70 7.42 -8.67 -2.72
N PHE A 71 7.33 -7.35 -2.90
CA PHE A 71 6.10 -6.59 -2.67
C PHE A 71 5.26 -6.47 -3.95
N ARG A 72 5.68 -7.11 -5.05
CA ARG A 72 5.06 -6.90 -6.36
C ARG A 72 4.84 -8.21 -7.09
N THR A 73 4.79 -9.32 -6.36
CA THR A 73 4.68 -10.66 -6.94
C THR A 73 3.25 -11.16 -6.79
N GLY A 74 2.68 -11.65 -7.88
CA GLY A 74 1.32 -12.14 -7.85
C GLY A 74 1.00 -12.89 -9.12
N TYR A 75 -0.25 -13.32 -9.22
CA TYR A 75 -0.78 -13.94 -10.42
C TYR A 75 -1.49 -12.89 -11.24
N ASN A 76 -1.21 -12.85 -12.54
CA ASN A 76 -1.97 -11.97 -13.42
C ASN A 76 -3.33 -12.59 -13.74
N SER A 77 -4.09 -11.92 -14.59
CA SER A 77 -5.47 -12.35 -14.84
C SER A 77 -5.53 -13.66 -15.61
N ASP A 78 -4.45 -14.06 -16.26
CA ASP A 78 -4.37 -15.35 -16.92
C ASP A 78 -3.78 -16.43 -16.01
N GLY A 79 -3.69 -16.16 -14.71
CA GLY A 79 -3.19 -17.14 -13.78
C GLY A 79 -1.70 -17.37 -13.80
N GLU A 80 -0.95 -16.49 -14.43
CA GLU A 80 0.50 -16.64 -14.52
C GLU A 80 1.20 -15.94 -13.36
N LEU A 81 2.15 -16.65 -12.75
CA LEU A 81 2.94 -16.10 -11.67
C LEU A 81 4.04 -15.19 -12.21
N GLY A 82 4.20 -14.03 -11.58
CA GLY A 82 5.27 -13.13 -11.96
C GLY A 82 5.31 -11.95 -11.03
N TYR A 83 6.12 -10.95 -11.39
CA TYR A 83 6.14 -9.70 -10.66
C TYR A 83 6.14 -8.53 -11.64
N TRP A 84 5.44 -7.47 -11.26
CA TRP A 84 5.37 -6.26 -12.05
C TRP A 84 6.53 -5.33 -11.72
N ASP A 85 6.93 -4.54 -12.72
CA ASP A 85 8.02 -3.59 -12.51
C ASP A 85 7.65 -2.56 -11.45
N LYS A 86 6.41 -2.08 -11.48
CA LYS A 86 5.89 -1.14 -10.49
C LYS A 86 4.42 -1.44 -10.25
N LEU A 87 3.96 -1.14 -9.03
CA LEU A 87 2.54 -1.18 -8.70
C LEU A 87 2.01 0.24 -8.57
N GLU A 88 0.70 0.39 -8.80
CA GLU A 88 0.00 1.63 -8.51
C GLU A 88 -0.89 1.44 -7.28
N PRO A 89 -1.09 2.48 -6.48
CA PRO A 89 -1.94 2.36 -5.28
C PRO A 89 -3.43 2.39 -5.64
N LEU A 90 -4.18 1.47 -5.06
CA LEU A 90 -5.64 1.49 -5.05
C LEU A 90 -6.02 1.89 -3.63
N TYR A 91 -6.45 3.14 -3.45
CA TYR A 91 -6.55 3.73 -2.13
C TYR A 91 -7.98 4.18 -1.85
N THR A 92 -8.28 4.31 -0.56
CA THR A 92 -9.61 4.67 -0.10
C THR A 92 -9.88 6.16 -0.33
N ILE A 93 -11.09 6.48 -0.76
CA ILE A 93 -11.60 7.85 -0.69
C ILE A 93 -12.97 7.80 -0.03
N PHE A 94 -13.35 8.92 0.58
CA PHE A 94 -14.60 8.98 1.35
C PHE A 94 -15.54 10.04 0.83
N ASP A 95 -16.83 9.70 0.87
CA ASP A 95 -17.95 10.59 0.56
C ASP A 95 -18.60 10.93 1.90
N GLY A 96 -18.35 12.15 2.39
CA GLY A 96 -18.90 12.55 3.67
C GLY A 96 -20.41 12.58 3.69
N VAL A 97 -21.02 12.84 2.54
CA VAL A 97 -22.47 12.86 2.44
C VAL A 97 -23.01 11.44 2.60
N SER A 98 -22.93 10.65 1.53
CA SER A 98 -23.55 9.34 1.52
C SER A 98 -22.96 8.44 2.58
N LYS A 99 -21.74 8.73 3.04
CA LYS A 99 -21.21 8.12 4.25
C LYS A 99 -20.64 6.79 3.85
N THR A 100 -20.10 6.75 2.64
CA THR A 100 -19.58 5.57 2.00
C THR A 100 -18.17 5.88 1.52
N PHE A 101 -17.46 4.83 1.15
CA PHE A 101 -16.10 4.93 0.65
C PHE A 101 -16.04 4.28 -0.72
N SER A 102 -14.98 4.62 -1.45
CA SER A 102 -14.70 4.02 -2.74
C SER A 102 -13.21 3.69 -2.78
N GLY A 103 -12.84 2.85 -3.73
CA GLY A 103 -11.45 2.63 -4.01
C GLY A 103 -11.10 3.13 -5.40
N ILE A 104 -10.12 4.01 -5.50
CA ILE A 104 -9.63 4.46 -6.81
C ILE A 104 -8.12 4.32 -6.82
N TRP A 105 -7.57 4.40 -8.04
CA TRP A 105 -6.15 4.21 -8.27
C TRP A 105 -5.64 5.40 -9.08
N THR A 106 -4.38 5.77 -8.85
CA THR A 106 -3.75 6.90 -9.51
C THR A 106 -2.32 6.46 -9.78
N PRO A 107 -1.83 6.60 -11.02
CA PRO A 107 -0.46 6.15 -11.28
C PRO A 107 0.57 7.03 -10.61
N VAL A 108 1.66 6.38 -10.18
CA VAL A 108 2.82 7.04 -9.61
C VAL A 108 3.94 6.83 -10.62
N LYS A 109 4.16 7.81 -11.50
CA LYS A 109 5.14 7.64 -12.55
C LYS A 109 6.52 8.17 -12.18
N ASN A 110 6.58 9.32 -11.50
CA ASN A 110 7.86 9.96 -11.23
C ASN A 110 7.89 10.68 -9.89
N ASP A 111 7.83 12.01 -9.92
CA ASP A 111 7.99 12.84 -8.75
C ASP A 111 6.67 13.02 -8.00
N PHE A 112 6.77 13.51 -6.76
CA PHE A 112 5.57 13.64 -5.95
C PHE A 112 4.58 14.65 -6.53
N LYS A 113 5.07 15.82 -6.96
CA LYS A 113 4.12 16.84 -7.41
C LYS A 113 3.28 16.33 -8.56
N GLU A 114 3.90 15.61 -9.50
CA GLU A 114 3.14 15.04 -10.63
C GLU A 114 2.04 14.12 -10.11
N PHE A 115 2.37 13.24 -9.17
CA PHE A 115 1.36 12.37 -8.59
C PHE A 115 0.29 13.17 -7.86
N TYR A 116 0.72 14.13 -7.03
CA TYR A 116 -0.20 14.91 -6.22
C TYR A 116 -1.27 15.56 -7.09
N ASP A 117 -0.88 16.15 -8.22
CA ASP A 117 -1.87 16.81 -9.07
C ASP A 117 -2.86 15.81 -9.65
N LEU A 118 -2.41 14.60 -9.98
CA LEU A 118 -3.31 13.58 -10.51
C LEU A 118 -4.21 13.02 -9.41
N TYR A 119 -3.66 12.81 -8.23
CA TYR A 119 -4.47 12.45 -7.08
C TYR A 119 -5.60 13.45 -6.88
N LEU A 120 -5.27 14.74 -6.87
CA LEU A 120 -6.28 15.76 -6.60
C LEU A 120 -7.39 15.70 -7.64
N SER A 121 -7.04 15.59 -8.93
CA SER A 121 -8.06 15.57 -9.97
C SER A 121 -8.84 14.25 -9.95
N ASP A 122 -8.18 13.13 -9.64
CA ASP A 122 -8.89 11.87 -9.52
C ASP A 122 -9.92 11.90 -8.39
N VAL A 123 -9.56 12.49 -7.25
CA VAL A 123 -10.51 12.56 -6.14
C VAL A 123 -11.72 13.40 -6.53
N GLU A 124 -11.48 14.52 -7.22
CA GLU A 124 -12.60 15.36 -7.64
C GLU A 124 -13.49 14.60 -8.63
N LYS A 125 -12.89 13.88 -9.56
CA LYS A 125 -13.66 13.24 -10.63
C LYS A 125 -14.49 12.07 -10.10
N TYR A 126 -13.92 11.27 -9.21
CA TYR A 126 -14.47 9.96 -8.90
C TYR A 126 -15.10 9.84 -7.53
N ASN A 127 -15.01 10.85 -6.67
CA ASN A 127 -15.70 10.73 -5.39
C ASN A 127 -17.20 10.92 -5.56
N GLY A 128 -17.95 10.41 -4.58
CA GLY A 128 -19.38 10.64 -4.54
C GLY A 128 -20.19 9.91 -5.58
N SER A 129 -19.66 8.80 -6.10
CA SER A 129 -20.29 8.12 -7.22
C SER A 129 -21.31 7.07 -6.82
N GLY A 130 -21.28 6.60 -5.58
CA GLY A 130 -22.12 5.49 -5.19
C GLY A 130 -21.62 4.13 -5.62
N LYS A 131 -20.51 4.08 -6.37
CA LYS A 131 -19.91 2.83 -6.80
C LYS A 131 -18.71 2.51 -5.92
N LEU A 132 -18.50 1.23 -5.61
CA LEU A 132 -17.31 0.84 -4.85
C LEU A 132 -16.04 1.15 -5.63
N PHE A 133 -16.04 0.87 -6.93
CA PHE A 133 -14.89 1.09 -7.80
C PHE A 133 -15.33 1.95 -8.98
N PRO A 134 -15.36 3.28 -8.80
CA PRO A 134 -15.84 4.16 -9.86
C PRO A 134 -14.84 4.40 -10.99
N LYS A 135 -13.57 4.03 -10.81
CA LYS A 135 -12.54 4.24 -11.83
C LYS A 135 -12.07 2.88 -12.33
N THR A 136 -12.61 2.43 -13.45
CA THR A 136 -12.31 1.12 -14.00
C THR A 136 -11.92 1.24 -15.47
N PRO A 137 -11.20 0.23 -16.00
CA PRO A 137 -10.72 -0.96 -15.28
C PRO A 137 -9.61 -0.61 -14.29
N ILE A 138 -9.53 -1.38 -13.22
CA ILE A 138 -8.40 -1.23 -12.29
C ILE A 138 -7.20 -1.97 -12.86
N PRO A 139 -6.02 -1.36 -12.90
CA PRO A 139 -4.85 -2.09 -13.41
C PRO A 139 -4.53 -3.30 -12.56
N GLU A 140 -3.99 -4.33 -13.21
CA GLU A 140 -3.62 -5.53 -12.48
C GLU A 140 -2.46 -5.26 -11.52
N ASN A 141 -1.58 -4.31 -11.86
CA ASN A 141 -0.44 -4.01 -11.01
C ASN A 141 -0.82 -2.95 -9.98
N ALA A 142 -1.67 -3.37 -9.05
CA ALA A 142 -2.21 -2.48 -8.03
C ALA A 142 -2.15 -3.18 -6.67
N PHE A 143 -1.91 -2.39 -5.63
CA PHE A 143 -2.02 -2.86 -4.26
C PHE A 143 -3.01 -2.00 -3.50
N SER A 144 -3.65 -2.60 -2.49
CA SER A 144 -4.69 -1.94 -1.70
CA SER A 144 -4.68 -1.90 -1.73
C SER A 144 -4.05 -1.18 -0.54
N LEU A 145 -4.43 0.10 -0.40
CA LEU A 145 -4.02 0.96 0.70
C LEU A 145 -5.29 1.54 1.29
N SER A 146 -5.65 1.11 2.49
CA SER A 146 -6.86 1.58 3.15
C SER A 146 -6.48 2.47 4.32
N ILE A 147 -7.37 3.42 4.63
CA ILE A 147 -7.18 4.25 5.81
C ILE A 147 -8.44 4.21 6.66
N ILE A 148 -8.23 4.23 7.96
CA ILE A 148 -9.30 4.26 8.96
C ILE A 148 -9.03 5.52 9.78
N PRO A 149 -9.39 6.70 9.29
CA PRO A 149 -8.99 7.93 9.99
C PRO A 149 -9.78 8.22 11.26
N TRP A 150 -10.82 7.44 11.57
CA TRP A 150 -11.67 7.76 12.71
C TRP A 150 -11.20 7.15 14.01
N THR A 151 -10.33 6.16 13.97
CA THR A 151 -9.83 5.61 15.22
C THR A 151 -8.41 5.12 15.01
N SER A 152 -7.62 5.24 16.06
CA SER A 152 -6.31 4.61 16.04
CA SER A 152 -6.31 4.61 16.05
C SER A 152 -6.45 3.11 16.34
N PHE A 153 -5.36 2.38 16.19
CA PHE A 153 -5.35 0.98 16.53
C PHE A 153 -3.92 0.55 16.78
N THR A 154 -3.79 -0.53 17.54
CA THR A 154 -2.52 -1.20 17.75
C THR A 154 -2.50 -2.60 17.17
N GLY A 155 -3.64 -3.09 16.69
CA GLY A 155 -3.70 -4.34 15.96
C GLY A 155 -4.78 -4.25 14.90
N PHE A 156 -4.51 -4.81 13.73
CA PHE A 156 -5.51 -4.87 12.66
C PHE A 156 -5.21 -6.09 11.82
N ASN A 157 -6.24 -6.90 11.56
CA ASN A 157 -6.08 -8.09 10.74
C ASN A 157 -7.31 -8.28 9.87
N LEU A 158 -7.09 -8.63 8.61
CA LEU A 158 -8.16 -9.00 7.70
C LEU A 158 -8.26 -10.52 7.62
N ASN A 159 -9.46 -11.04 7.87
CA ASN A 159 -9.75 -12.46 7.68
C ASN A 159 -10.49 -12.59 6.36
N ILE A 160 -9.76 -12.94 5.32
CA ILE A 160 -10.30 -13.08 3.98
C ILE A 160 -10.26 -14.58 3.69
N ASN A 161 -11.41 -15.24 3.78
CA ASN A 161 -11.47 -16.67 3.55
C ASN A 161 -12.11 -16.90 2.17
N ASN A 162 -11.35 -16.57 1.10
CA ASN A 162 -11.90 -16.47 -0.25
C ASN A 162 -11.36 -17.50 -1.24
N ASN A 163 -10.81 -18.60 -0.78
CA ASN A 163 -10.37 -19.70 -1.65
C ASN A 163 -9.24 -19.32 -2.59
N SER A 164 -8.55 -18.21 -2.37
CA SER A 164 -7.55 -17.75 -3.32
C SER A 164 -6.21 -17.56 -2.62
N ASN A 165 -5.15 -17.59 -3.42
CA ASN A 165 -3.81 -17.22 -2.95
C ASN A 165 -3.51 -15.90 -3.67
N TYR A 166 -3.97 -14.82 -3.07
CA TYR A 166 -3.66 -13.47 -3.49
C TYR A 166 -2.34 -13.09 -2.83
N LEU A 167 -1.35 -12.72 -3.64
CA LEU A 167 0.01 -12.64 -3.13
C LEU A 167 0.51 -11.23 -2.89
N LEU A 168 -0.27 -10.20 -3.19
CA LEU A 168 0.23 -8.84 -3.10
C LEU A 168 0.01 -8.26 -1.70
N PRO A 169 0.82 -7.28 -1.30
CA PRO A 169 0.66 -6.71 0.04
C PRO A 169 -0.62 -5.91 0.19
N ILE A 170 -1.14 -5.89 1.41
CA ILE A 170 -2.34 -5.19 1.80
C ILE A 170 -1.97 -4.26 2.96
N ILE A 171 -2.23 -2.97 2.82
CA ILE A 171 -1.81 -1.97 3.78
C ILE A 171 -3.02 -1.25 4.34
N THR A 172 -3.01 -1.04 5.66
CA THR A 172 -4.07 -0.35 6.38
C THR A 172 -3.45 0.60 7.39
N ALA A 173 -3.85 1.88 7.34
CA ALA A 173 -3.35 2.88 8.27
C ALA A 173 -4.50 3.42 9.10
N GLY A 174 -4.18 3.84 10.33
CA GLY A 174 -5.15 4.35 11.26
C GLY A 174 -4.95 5.81 11.60
N LYS A 175 -5.82 6.29 12.49
CA LYS A 175 -5.77 7.67 12.96
C LYS A 175 -4.48 7.96 13.71
N PHE A 176 -3.96 9.17 13.52
CA PHE A 176 -2.73 9.54 14.21
C PHE A 176 -2.91 9.40 15.72
N ILE A 177 -1.81 9.06 16.40
CA ILE A 177 -1.72 9.08 17.86
C ILE A 177 -0.70 10.15 18.23
N ASN A 178 -1.12 11.15 19.01
CA ASN A 178 -0.24 12.22 19.45
C ASN A 178 0.28 11.90 20.85
N LYS A 179 1.59 12.00 21.02
CA LYS A 179 2.25 11.85 22.33
C LYS A 179 3.18 13.05 22.46
N GLY A 180 2.68 14.13 23.04
CA GLY A 180 3.49 15.33 23.16
C GLY A 180 3.81 15.90 21.79
N ASN A 181 5.10 15.99 21.48
CA ASN A 181 5.57 16.53 20.22
C ASN A 181 5.69 15.48 19.14
N SER A 182 5.44 14.23 19.47
CA SER A 182 5.53 13.13 18.53
C SER A 182 4.15 12.79 17.98
N ILE A 183 4.15 12.35 16.73
CA ILE A 183 2.95 11.91 16.03
C ILE A 183 3.24 10.52 15.49
N TYR A 184 2.35 9.57 15.78
CA TYR A 184 2.53 8.19 15.37
C TYR A 184 1.39 7.78 14.46
N LEU A 185 1.72 6.96 13.47
CA LEU A 185 0.74 6.46 12.52
C LEU A 185 0.57 4.96 12.70
N PRO A 186 -0.59 4.49 13.16
CA PRO A 186 -0.85 3.05 13.15
C PRO A 186 -0.78 2.51 11.74
N LEU A 187 -0.05 1.41 11.55
CA LEU A 187 0.15 0.85 10.22
C LEU A 187 0.18 -0.67 10.30
N SER A 188 -0.67 -1.31 9.51
CA SER A 188 -0.73 -2.77 9.44
C SER A 188 -0.36 -3.21 8.03
N LEU A 189 0.57 -4.15 7.94
CA LEU A 189 1.00 -4.76 6.69
C LEU A 189 0.52 -6.20 6.70
N GLN A 190 -0.17 -6.62 5.65
CA GLN A 190 -0.65 -8.00 5.55
C GLN A 190 -0.14 -8.60 4.24
N VAL A 191 0.71 -9.62 4.35
CA VAL A 191 1.45 -10.14 3.22
C VAL A 191 1.34 -11.66 3.20
N HIS A 192 1.61 -12.23 2.03
CA HIS A 192 1.54 -13.67 1.83
C HIS A 192 2.93 -14.26 2.02
N HIS A 193 3.02 -15.28 2.89
CA HIS A 193 4.33 -15.78 3.26
C HIS A 193 5.02 -16.52 2.12
N SER A 194 4.29 -16.87 1.06
CA SER A 194 4.93 -17.45 -0.11
C SER A 194 5.93 -16.49 -0.73
N VAL A 195 5.71 -15.19 -0.60
CA VAL A 195 6.55 -14.19 -1.25
C VAL A 195 7.16 -13.19 -0.27
N CYS A 196 6.62 -13.05 0.94
CA CYS A 196 7.17 -12.14 1.95
C CYS A 196 7.41 -12.89 3.24
N ASP A 197 8.64 -12.89 3.72
CA ASP A 197 9.00 -13.42 5.03
C ASP A 197 8.94 -12.32 6.07
N GLY A 198 9.14 -12.69 7.35
CA GLY A 198 9.30 -11.67 8.36
C GLY A 198 10.32 -10.63 7.95
N TYR A 199 11.38 -11.07 7.27
CA TYR A 199 12.43 -10.16 6.82
C TYR A 199 11.84 -9.06 5.94
N HIS A 200 11.04 -9.45 4.95
CA HIS A 200 10.46 -8.47 4.03
C HIS A 200 9.47 -7.57 4.74
N ALA A 201 8.74 -8.10 5.72
CA ALA A 201 7.88 -7.24 6.52
C ALA A 201 8.69 -6.21 7.28
N GLY A 202 9.82 -6.62 7.85
CA GLY A 202 10.69 -5.66 8.51
C GLY A 202 11.24 -4.64 7.54
N LEU A 203 11.64 -5.11 6.35
CA LEU A 203 12.12 -4.20 5.32
C LEU A 203 11.06 -3.17 4.99
N PHE A 204 9.81 -3.59 4.88
CA PHE A 204 8.72 -2.66 4.59
C PHE A 204 8.61 -1.60 5.68
N MET A 205 8.40 -2.02 6.94
CA MET A 205 8.22 -1.04 8.01
C MET A 205 9.46 -0.18 8.21
N ASN A 206 10.65 -0.75 8.16
CA ASN A 206 11.83 0.09 8.36
C ASN A 206 12.00 1.09 7.21
N SER A 207 11.64 0.69 5.98
CA SER A 207 11.74 1.62 4.85
C SER A 207 10.72 2.74 4.99
N ILE A 208 9.50 2.42 5.41
CA ILE A 208 8.50 3.45 5.67
C ILE A 208 9.04 4.47 6.66
N GLN A 209 9.61 3.97 7.76
CA GLN A 209 10.12 4.86 8.80
C GLN A 209 11.28 5.70 8.29
N GLU A 210 12.21 5.07 7.57
CA GLU A 210 13.39 5.79 7.09
C GLU A 210 13.02 6.87 6.09
N LEU A 211 12.07 6.57 5.20
CA LEU A 211 11.63 7.58 4.23
C LEU A 211 10.82 8.67 4.91
N SER A 212 10.00 8.31 5.90
CA SER A 212 9.25 9.33 6.62
C SER A 212 10.18 10.34 7.28
N ASP A 213 11.34 9.88 7.74
CA ASP A 213 12.28 10.74 8.42
C ASP A 213 13.19 11.50 7.47
N ARG A 214 13.08 11.27 6.16
CA ARG A 214 13.92 11.94 5.17
C ARG A 214 13.06 12.49 4.04
N PRO A 215 12.03 13.29 4.36
CA PRO A 215 11.13 13.75 3.30
C PRO A 215 11.83 14.61 2.25
N ASN A 216 12.89 15.33 2.61
CA ASN A 216 13.63 16.11 1.62
C ASN A 216 14.12 15.25 0.47
N ASP A 217 14.17 13.92 0.64
CA ASP A 217 14.74 13.03 -0.36
C ASP A 217 13.77 12.60 -1.45
N TRP A 218 12.46 12.73 -1.23
CA TRP A 218 11.50 12.18 -2.19
C TRP A 218 10.26 13.03 -2.32
N LEU A 219 9.97 13.83 -1.31
CA LEU A 219 8.78 14.67 -1.31
C LEU A 219 9.09 16.05 -1.89
N LEU A 220 10.13 16.68 -1.36
CA LEU A 220 10.53 18.04 -1.71
C LEU A 220 11.57 17.96 -2.81
CO CO B . -7.63 -15.66 9.67
C ACT C . -10.49 -2.15 6.03
O ACT C . -9.46 -1.44 5.86
OXT ACT C . -10.82 -3.23 5.48
CH3 ACT C . -11.53 -1.61 7.01
H1 ACT C . -11.24 -0.76 7.37
H2 ACT C . -11.64 -2.24 7.74
H3 ACT C . -12.38 -1.50 6.55
C ACT D . 9.67 -16.12 8.95
O ACT D . 9.95 -15.29 8.03
OXT ACT D . 8.60 -16.78 9.13
CH3 ACT D . 10.73 -16.34 10.03
H1 ACT D . 11.02 -17.27 10.02
H2 ACT D . 11.49 -15.77 9.86
H3 ACT D . 10.35 -16.13 10.90
O1 HEZ E . -7.83 -10.09 -1.57
C1 HEZ E . -7.51 -8.87 -2.22
C2 HEZ E . -7.21 -7.74 -1.27
C3 HEZ E . -8.44 -7.36 -0.46
C4 HEZ E . -8.19 -6.25 0.55
C5 HEZ E . -9.42 -5.93 1.39
C6 HEZ E . -9.29 -4.79 2.37
O6 HEZ E . -10.56 -4.53 2.93
HO1 HEZ E . -7.93 -10.68 -2.17
H11 HEZ E . -8.25 -8.62 -2.77
H12 HEZ E . -6.72 -9.03 -2.76
H21 HEZ E . -6.92 -6.97 -1.78
H22 HEZ E . -6.51 -8.00 -0.67
H31 HEZ E . -8.74 -8.14 0.03
H32 HEZ E . -9.13 -7.07 -1.07
H41 HEZ E . -7.47 -6.52 1.14
H42 HEZ E . -7.93 -5.45 0.07
H51 HEZ E . -10.14 -5.70 0.77
H52 HEZ E . -9.65 -6.72 1.89
H61 HEZ E . -8.96 -3.99 1.92
H62 HEZ E . -8.66 -5.04 3.08
HO6 HEZ E . -10.49 -3.83 3.41
O1 HEZ F . 9.05 -12.59 -5.36
C1 HEZ F . 9.90 -11.45 -5.55
C2 HEZ F . 11.22 -11.85 -6.18
C3 HEZ F . 11.12 -11.77 -7.68
C4 HEZ F . 11.27 -13.12 -8.37
C5 HEZ F . 12.62 -13.33 -9.02
C6 HEZ F . 12.90 -14.80 -9.19
O6 HEZ F . 13.41 -15.12 -10.47
HO1 HEZ F . 8.41 -12.32 -4.87
H11 HEZ F . 9.46 -10.81 -6.12
H12 HEZ F . 10.08 -11.05 -4.69
H21 HEZ F . 11.92 -11.25 -5.88
H22 HEZ F . 11.43 -12.77 -5.93
H31 HEZ F . 11.83 -11.19 -8.00
H32 HEZ F . 10.26 -11.40 -7.91
H41 HEZ F . 10.58 -13.20 -9.05
H42 HEZ F . 11.14 -13.82 -7.70
H51 HEZ F . 13.31 -12.94 -8.47
H52 HEZ F . 12.62 -12.91 -9.89
H61 HEZ F . 13.56 -15.07 -8.52
H62 HEZ F . 12.08 -15.30 -9.05
HO6 HEZ F . 12.84 -15.65 -10.83
O1 HEZ G . 15.29 12.22 11.15
C1 HEZ G . 15.27 11.12 12.04
C2 HEZ G . 14.62 11.51 13.35
C3 HEZ G . 13.35 10.88 13.89
C4 HEZ G . 12.85 11.53 15.17
C5 HEZ G . 11.60 12.37 15.00
C6 HEZ G . 11.30 13.42 16.03
O6 HEZ G . 11.54 14.73 15.51
HO1 HEZ G . 15.84 12.04 10.52
H11 HEZ G . 14.76 10.39 11.64
H12 HEZ G . 16.18 10.83 12.21
H21 HEZ G . 14.43 12.46 13.27
H22 HEZ G . 15.30 11.37 14.03
H31 HEZ G . 12.65 10.96 13.22
H32 HEZ G . 13.52 9.94 14.07
H41 HEZ G . 12.66 10.83 15.82
H42 HEZ G . 13.55 12.11 15.52
H51 HEZ G . 11.67 12.81 14.14
H52 HEZ G . 10.85 11.76 14.98
H61 HEZ G . 10.38 13.35 16.31
H62 HEZ G . 11.87 13.28 16.80
HO6 HEZ G . 11.00 15.25 15.91
O1 HEZ H . -4.59 -5.88 -5.93
C1 HEZ H . -5.46 -4.76 -5.79
C2 HEZ H . -6.41 -4.92 -4.64
C3 HEZ H . -7.61 -5.79 -4.97
C4 HEZ H . -8.45 -5.25 -6.12
C5 HEZ H . -9.94 -5.41 -5.90
C6 HEZ H . -10.66 -5.07 -7.19
O6 HEZ H . -11.68 -6.00 -7.48
HO1 HEZ H . -4.36 -5.91 -6.75
H11 HEZ H . -4.93 -3.96 -5.65
H12 HEZ H . -5.98 -4.67 -6.61
H21 HEZ H . -5.94 -5.34 -3.90
H22 HEZ H . -6.73 -4.05 -4.37
H31 HEZ H . -7.29 -6.68 -5.22
H32 HEZ H . -8.17 -5.86 -4.18
H41 HEZ H . -8.25 -4.31 -6.23
H42 HEZ H . -8.21 -5.74 -6.92
H51 HEZ H . -10.15 -6.32 -5.65
H52 HEZ H . -10.23 -4.80 -5.20
H61 HEZ H . -11.06 -4.19 -7.10
H62 HEZ H . -10.02 -5.07 -7.92
HO6 HEZ H . -11.83 -5.95 -8.30
O1 HEZ I . -10.94 11.76 13.17
C1 HEZ I . -11.91 12.25 12.25
C2 HEZ I . -11.47 11.98 10.83
C3 HEZ I . -12.56 12.32 9.84
C4 HEZ I . -12.08 12.33 8.40
C5 HEZ I . -13.17 11.99 7.40
C6 HEZ I . -12.61 11.77 6.02
O6 HEZ I . -13.09 12.74 5.11
HO1 HEZ I . -11.27 11.06 13.51
H11 HEZ I . -12.01 13.21 12.38
H12 HEZ I . -12.76 11.82 12.42
H21 HEZ I . -10.69 12.52 10.64
H22 HEZ I . -11.25 11.04 10.75
H31 HEZ I . -13.26 11.65 9.92
H32 HEZ I . -12.91 13.19 10.06
H41 HEZ I . -11.74 13.22 8.21
H42 HEZ I . -11.36 11.68 8.31
H51 HEZ I . -13.61 11.18 7.69
H52 HEZ I . -13.81 12.72 7.37
H61 HEZ I . -11.64 11.84 6.05
H62 HEZ I . -12.86 10.89 5.71
HO6 HEZ I . -12.68 12.64 4.38
O1 HEZ J . -10.48 1.10 0.24
C1 HEZ J . -9.59 0.83 -0.83
C2 HEZ J . -9.06 -0.58 -1.01
C3 HEZ J . -10.03 -1.45 -1.85
C4 HEZ J . -9.73 -2.95 -1.88
C5 HEZ J . -10.92 -3.85 -1.56
C6 HEZ J . -11.28 -5.08 -2.36
O6 HEZ J . -11.99 -6.13 -1.67
HO1 HEZ J . -10.14 1.73 0.72
H11 HEZ J . -10.06 1.08 -1.64
H12 HEZ J . -8.83 1.42 -0.71
H21 HEZ J . -8.21 -0.53 -1.47
H22 HEZ J . -8.95 -0.98 -0.14
H31 HEZ J . -10.92 -1.34 -1.47
H32 HEZ J . -10.02 -1.13 -2.76
H41 HEZ J . -9.41 -3.18 -2.78
H42 HEZ J . -9.03 -3.13 -1.23
H51 HEZ J . -10.78 -4.16 -0.65
H52 HEZ J . -11.71 -3.28 -1.58
H61 HEZ J . -11.84 -4.79 -3.10
H62 HEZ J . -10.46 -5.46 -2.71
HO6 HEZ J . -11.72 -6.88 -1.99
#